data_6MFL
#
_entry.id   6MFL
#
_cell.length_a   37.762
_cell.length_b   137.055
_cell.length_c   56.208
_cell.angle_alpha   90.00
_cell.angle_beta   90.02
_cell.angle_gamma   90.00
#
_symmetry.space_group_name_H-M   'P 1 21 1'
#
loop_
_entity.id
_entity.type
_entity.pdbx_description
1 polymer 'Siderophore Binding Protein BauB'
2 non-polymer 'FE (III) ION'
3 non-polymer ~{N}-[(4~{S},5~{S})-2-[2-(1~{H}-imidazol-4-yl)ethyl]-5-methyl-3-oxidanylidene-1,2-oxazolidin-4-yl]-2,3-bis(oxidanyl)benzamide
4 non-polymer 1,2-ETHANEDIOL
5 water water
#
_entity_poly.entity_id   1
_entity_poly.type   'polypeptide(L)'
_entity_poly.pdbx_seq_one_letter_code
;CDQKVADTTQASQKLAEPITVKHALGTTVIDHLPQRVAVLDMNEADFLDQLNVPIMGMPKDYVPHFLEKYKKDAQIQDLG
AIVQPNMERIYALKPDLILMTPLHVNQYQELSKIAPTIHYDINFNNSESNHIGLVKDHMMTLGKIFNKEDLARQKVSELD
EQVKQVQAVTANRPERALVVLHNNGAFSNFGIQSRYGFIFNAFGVKPASGVVDTSLHGQPISSEFIKKADPDILYIVDRT
AVMEHRPNINAASVENPLLRQTKAWKNGRVIFVDADAWYTTAASPTSLKIVMEDVKKGYQLEHHHHHH
;
_entity_poly.pdbx_strand_id   A,B
#
# COMPACT_ATOMS: atom_id res chain seq x y z
N GLU A 17 -23.98 0.74 4.31
CA GLU A 17 -23.48 1.82 5.15
C GLU A 17 -22.87 2.94 4.30
N PRO A 18 -23.70 3.65 3.51
CA PRO A 18 -23.17 4.74 2.69
C PRO A 18 -22.54 5.83 3.55
N ILE A 19 -21.40 6.36 3.07
CA ILE A 19 -20.66 7.39 3.79
C ILE A 19 -21.12 8.76 3.30
N THR A 20 -21.40 9.65 4.24
CA THR A 20 -21.73 11.04 3.94
C THR A 20 -20.57 11.93 4.37
N VAL A 21 -20.06 12.70 3.44
CA VAL A 21 -18.90 13.57 3.66
C VAL A 21 -19.41 15.00 3.64
N LYS A 22 -19.41 15.63 4.81
CA LYS A 22 -19.77 17.05 4.94
C LYS A 22 -18.50 17.88 4.95
N HIS A 23 -18.20 18.50 3.82
CA HIS A 23 -16.97 19.24 3.63
C HIS A 23 -17.27 20.72 3.44
N ALA A 24 -16.20 21.46 3.17
CA ALA A 24 -16.28 22.92 3.10
C ALA A 24 -17.17 23.43 1.97
N LEU A 25 -17.43 22.65 0.94
CA LEU A 25 -18.21 23.13 -0.19
C LEU A 25 -19.58 22.46 -0.32
N GLY A 26 -19.98 21.65 0.64
CA GLY A 26 -21.23 20.94 0.51
C GLY A 26 -21.13 19.55 1.10
N THR A 27 -22.08 18.71 0.72
CA THR A 27 -22.19 17.35 1.27
C THR A 27 -22.17 16.36 0.12
N THR A 28 -21.37 15.32 0.26
CA THR A 28 -21.25 14.28 -0.75
C THR A 28 -21.58 12.95 -0.11
N VAL A 29 -22.47 12.19 -0.75
CA VAL A 29 -22.80 10.85 -0.29
C VAL A 29 -22.24 9.83 -1.26
N ILE A 30 -21.62 8.80 -0.70
CA ILE A 30 -20.98 7.70 -1.44
C ILE A 30 -21.61 6.40 -0.96
N ASP A 31 -22.34 5.73 -1.85
CA ASP A 31 -23.04 4.51 -1.49
C ASP A 31 -22.31 3.24 -1.94
N HIS A 32 -21.46 3.34 -2.97
CA HIS A 32 -20.76 2.19 -3.50
C HIS A 32 -19.26 2.45 -3.47
N LEU A 33 -18.52 1.38 -3.55
CA LEU A 33 -17.06 1.47 -3.55
C LEU A 33 -16.59 2.08 -4.86
N PRO A 34 -15.98 3.26 -4.86
CA PRO A 34 -15.61 3.87 -6.15
C PRO A 34 -14.55 3.07 -6.90
N GLN A 35 -14.69 3.03 -8.22
CA GLN A 35 -13.83 2.21 -9.06
C GLN A 35 -13.12 2.98 -10.17
N ARG A 36 -13.56 4.21 -10.47
CA ARG A 36 -12.94 5.03 -11.51
C ARG A 36 -12.74 6.39 -10.84
N VAL A 37 -11.56 6.58 -10.24
CA VAL A 37 -11.29 7.73 -9.40
C VAL A 37 -10.42 8.73 -10.16
N ALA A 38 -10.86 9.98 -10.17
CA ALA A 38 -10.08 11.08 -10.71
C ALA A 38 -9.60 11.92 -9.55
N VAL A 39 -8.29 12.22 -9.51
CA VAL A 39 -7.70 13.07 -8.48
C VAL A 39 -7.21 14.34 -9.18
N LEU A 40 -7.45 15.49 -8.58
CA LEU A 40 -7.14 16.74 -9.23
C LEU A 40 -5.89 17.45 -8.71
N ASP A 41 -5.23 16.95 -7.68
CA ASP A 41 -3.88 17.43 -7.43
C ASP A 41 -3.04 16.32 -6.84
N MET A 42 -1.78 16.66 -6.57
CA MET A 42 -0.80 15.64 -6.25
C MET A 42 -0.84 15.24 -4.79
N ASN A 43 -1.39 16.09 -3.91
CA ASN A 43 -1.67 15.66 -2.55
C ASN A 43 -2.65 14.49 -2.56
N GLU A 44 -3.78 14.67 -3.25
CA GLU A 44 -4.76 13.61 -3.32
C GLU A 44 -4.17 12.34 -3.91
N ALA A 45 -3.40 12.47 -5.01
CA ALA A 45 -2.76 11.31 -5.62
C ALA A 45 -1.87 10.56 -4.63
N ASP A 46 -1.12 11.29 -3.80
CA ASP A 46 -0.31 10.65 -2.77
C ASP A 46 -1.18 9.92 -1.73
N PHE A 47 -2.32 10.48 -1.34
CA PHE A 47 -3.19 9.78 -0.40
C PHE A 47 -3.60 8.42 -0.97
N LEU A 48 -4.01 8.40 -2.24
CA LEU A 48 -4.57 7.17 -2.79
C LEU A 48 -3.49 6.14 -3.08
N ASP A 49 -2.31 6.62 -3.50
CA ASP A 49 -1.14 5.75 -3.62
C ASP A 49 -0.81 5.13 -2.28
N GLN A 50 -0.79 5.95 -1.22
CA GLN A 50 -0.50 5.43 0.12
C GLN A 50 -1.55 4.45 0.60
N LEU A 51 -2.78 4.57 0.12
CA LEU A 51 -3.83 3.62 0.49
C LEU A 51 -3.93 2.45 -0.45
N ASN A 52 -3.08 2.38 -1.47
CA ASN A 52 -3.13 1.35 -2.49
C ASN A 52 -4.48 1.34 -3.21
N VAL A 53 -4.94 2.53 -3.58
CA VAL A 53 -6.21 2.69 -4.30
C VAL A 53 -5.89 3.10 -5.73
N PRO A 54 -6.28 2.32 -6.72
CA PRO A 54 -5.95 2.71 -8.10
C PRO A 54 -6.58 4.04 -8.49
N ILE A 55 -5.85 4.76 -9.35
CA ILE A 55 -6.22 6.08 -9.85
C ILE A 55 -6.51 5.95 -11.33
N MET A 56 -7.69 6.43 -11.75
CA MET A 56 -8.03 6.40 -13.18
C MET A 56 -7.55 7.62 -13.96
N GLY A 57 -7.46 8.80 -13.32
CA GLY A 57 -7.01 10.00 -14.01
C GLY A 57 -6.45 10.99 -13.03
N MET A 58 -5.43 11.75 -13.49
CA MET A 58 -4.82 12.82 -12.71
C MET A 58 -4.13 13.81 -13.64
N PRO A 59 -3.97 15.07 -13.24
CA PRO A 59 -3.12 15.95 -14.02
C PRO A 59 -1.69 15.45 -13.91
N LYS A 60 -0.91 15.67 -14.98
CA LYS A 60 0.45 15.19 -14.98
C LYS A 60 1.48 16.29 -15.32
N ASP A 61 1.14 17.57 -15.17
CA ASP A 61 2.14 18.58 -15.51
C ASP A 61 3.26 18.65 -14.48
N TYR A 62 2.97 18.39 -13.17
CA TYR A 62 4.01 18.49 -12.11
C TYR A 62 3.90 17.32 -11.14
N VAL A 63 4.34 16.14 -11.57
CA VAL A 63 4.26 14.95 -10.75
C VAL A 63 5.52 14.89 -9.87
N PRO A 64 5.37 14.86 -8.54
CA PRO A 64 6.56 14.75 -7.67
C PRO A 64 7.32 13.46 -7.90
N HIS A 65 8.59 13.45 -7.47
CA HIS A 65 9.41 12.26 -7.73
C HIS A 65 8.85 11.03 -7.04
N PHE A 66 8.22 11.20 -5.88
CA PHE A 66 7.74 10.04 -5.15
C PHE A 66 6.44 9.47 -5.74
N LEU A 67 5.91 10.09 -6.80
CA LEU A 67 4.79 9.57 -7.57
C LEU A 67 5.18 9.32 -9.04
N GLU A 68 6.48 9.13 -9.28
CA GLU A 68 6.98 9.03 -10.64
C GLU A 68 6.28 7.95 -11.47
N LYS A 69 5.99 6.80 -10.86
CA LYS A 69 5.37 5.72 -11.63
C LYS A 69 4.05 6.14 -12.26
N TYR A 70 3.41 7.19 -11.75
CA TYR A 70 2.14 7.62 -12.27
C TYR A 70 2.28 8.45 -13.54
N LYS A 71 3.37 9.21 -13.67
CA LYS A 71 3.53 10.00 -14.88
C LYS A 71 3.67 9.08 -16.09
N LYS A 72 4.40 7.97 -15.93
CA LYS A 72 4.74 7.11 -17.06
C LYS A 72 3.63 6.10 -17.39
N ASP A 73 2.68 5.91 -16.50
CA ASP A 73 1.64 4.88 -16.67
C ASP A 73 0.56 5.41 -17.60
N ALA A 74 0.55 4.88 -18.84
CA ALA A 74 -0.41 5.32 -19.84
C ALA A 74 -1.82 4.86 -19.54
N GLN A 75 -2.00 3.92 -18.63
CA GLN A 75 -3.34 3.52 -18.19
C GLN A 75 -3.97 4.54 -17.26
N ILE A 76 -3.22 5.56 -16.85
CA ILE A 76 -3.77 6.65 -16.04
C ILE A 76 -3.91 7.86 -16.95
N GLN A 77 -5.15 8.28 -17.16
CA GLN A 77 -5.39 9.40 -18.05
C GLN A 77 -4.80 10.70 -17.48
N ASP A 78 -4.15 11.45 -18.34
CA ASP A 78 -3.67 12.77 -18.00
C ASP A 78 -4.80 13.78 -18.16
N LEU A 79 -5.15 14.43 -17.06
CA LEU A 79 -6.19 15.43 -16.99
C LEU A 79 -5.68 16.87 -17.17
N GLY A 80 -4.40 17.04 -17.46
CA GLY A 80 -3.82 18.34 -17.79
C GLY A 80 -3.01 19.02 -16.70
N ALA A 81 -3.46 20.20 -16.28
CA ALA A 81 -2.77 21.01 -15.28
C ALA A 81 -3.42 20.93 -13.89
N ILE A 82 -2.58 20.87 -12.84
CA ILE A 82 -3.09 20.84 -11.47
C ILE A 82 -4.02 22.02 -11.21
N VAL A 83 -3.61 23.22 -11.64
CA VAL A 83 -4.34 24.42 -11.25
C VAL A 83 -5.73 24.46 -11.84
N GLN A 84 -5.94 23.81 -12.99
CA GLN A 84 -7.22 23.82 -13.67
C GLN A 84 -7.34 22.62 -14.62
N PRO A 85 -7.69 21.44 -14.11
CA PRO A 85 -7.73 20.26 -14.98
C PRO A 85 -8.76 20.40 -16.10
N ASN A 86 -8.57 19.60 -17.12
CA ASN A 86 -9.37 19.68 -18.35
C ASN A 86 -10.73 19.06 -18.10
N MET A 87 -11.75 19.90 -18.04
CA MET A 87 -13.10 19.42 -17.72
C MET A 87 -13.63 18.46 -18.78
N GLU A 88 -13.29 18.69 -20.06
CA GLU A 88 -13.67 17.78 -21.14
C GLU A 88 -13.06 16.40 -20.95
N ARG A 89 -11.79 16.33 -20.53
CA ARG A 89 -11.16 15.02 -20.31
C ARG A 89 -11.78 14.30 -19.12
N ILE A 90 -12.13 15.05 -18.07
CA ILE A 90 -12.78 14.46 -16.90
C ILE A 90 -14.13 13.86 -17.27
N TYR A 91 -14.99 14.67 -17.88
CA TYR A 91 -16.29 14.18 -18.31
C TYR A 91 -16.17 12.90 -19.14
N ALA A 92 -15.16 12.83 -20.02
CA ALA A 92 -14.99 11.66 -20.86
C ALA A 92 -14.58 10.44 -20.06
N LEU A 93 -13.66 10.63 -19.10
CA LEU A 93 -13.20 9.55 -18.23
C LEU A 93 -14.35 8.87 -17.49
N LYS A 94 -15.49 9.53 -17.40
CA LYS A 94 -16.65 9.00 -16.65
C LYS A 94 -16.24 8.51 -15.26
N PRO A 95 -15.67 9.37 -14.42
CA PRO A 95 -15.32 8.95 -13.07
C PRO A 95 -16.55 8.69 -12.22
N ASP A 96 -16.41 7.82 -11.25
CA ASP A 96 -17.44 7.67 -10.24
C ASP A 96 -17.10 8.39 -8.94
N LEU A 97 -15.91 8.98 -8.85
CA LEU A 97 -15.52 9.84 -7.73
C LEU A 97 -14.42 10.79 -8.21
N ILE A 98 -14.56 12.05 -7.85
CA ILE A 98 -13.58 13.11 -8.10
C ILE A 98 -13.09 13.62 -6.74
N LEU A 99 -11.77 13.59 -6.53
CA LEU A 99 -11.17 14.23 -5.36
C LEU A 99 -10.54 15.56 -5.78
N MET A 100 -10.97 16.66 -5.14
CA MET A 100 -10.46 17.98 -5.47
C MET A 100 -10.16 18.73 -4.17
N THR A 101 -9.63 19.93 -4.31
CA THR A 101 -9.11 20.64 -3.14
C THR A 101 -9.45 22.13 -3.30
N PRO A 102 -8.98 22.97 -2.36
CA PRO A 102 -9.24 24.41 -2.49
C PRO A 102 -8.71 25.01 -3.78
N LEU A 103 -7.78 24.37 -4.46
CA LEU A 103 -7.32 24.92 -5.72
C LEU A 103 -8.40 24.92 -6.80
N HIS A 104 -9.42 24.08 -6.67
CA HIS A 104 -10.38 23.84 -7.74
C HIS A 104 -11.78 24.32 -7.38
N VAL A 105 -11.88 25.18 -6.34
CA VAL A 105 -13.18 25.62 -5.85
C VAL A 105 -14.04 26.16 -7.01
N ASN A 106 -13.43 26.95 -7.89
CA ASN A 106 -14.19 27.53 -9.01
C ASN A 106 -14.74 26.48 -9.98
N GLN A 107 -14.29 25.24 -9.90
CA GLN A 107 -14.81 24.14 -10.72
C GLN A 107 -15.70 23.18 -9.95
N TYR A 108 -15.97 23.41 -8.66
CA TYR A 108 -16.65 22.39 -7.89
C TYR A 108 -18.03 22.08 -8.47
N GLN A 109 -18.84 23.11 -8.73
CA GLN A 109 -20.19 22.87 -9.25
C GLN A 109 -20.16 22.03 -10.54
N GLU A 110 -19.26 22.37 -11.47
CA GLU A 110 -19.17 21.63 -12.73
C GLU A 110 -18.69 20.20 -12.50
N LEU A 111 -17.78 20.00 -11.55
CA LEU A 111 -17.31 18.63 -11.29
C LEU A 111 -18.42 17.81 -10.66
N SER A 112 -19.18 18.40 -9.73
CA SER A 112 -20.21 17.66 -9.02
C SER A 112 -21.33 17.25 -9.96
N LYS A 113 -21.49 17.96 -11.08
CA LYS A 113 -22.40 17.54 -12.15
C LYS A 113 -21.97 16.21 -12.74
N ILE A 114 -20.66 16.00 -12.85
CA ILE A 114 -20.14 14.82 -13.52
C ILE A 114 -20.14 13.61 -12.61
N ALA A 115 -19.79 13.79 -11.32
CA ALA A 115 -19.58 12.67 -10.42
C ALA A 115 -19.64 13.18 -9.00
N PRO A 116 -19.87 12.31 -8.01
CA PRO A 116 -19.71 12.72 -6.62
C PRO A 116 -18.31 13.29 -6.44
N THR A 117 -18.23 14.44 -5.80
CA THR A 117 -17.00 15.22 -5.76
C THR A 117 -16.74 15.56 -4.30
N ILE A 118 -15.55 15.20 -3.82
CA ILE A 118 -15.17 15.45 -2.44
C ILE A 118 -14.17 16.59 -2.44
N HIS A 119 -14.32 17.51 -1.48
CA HIS A 119 -13.39 18.60 -1.27
C HIS A 119 -12.48 18.29 -0.09
N TYR A 120 -11.17 18.39 -0.30
CA TYR A 120 -10.20 18.23 0.79
C TYR A 120 -10.24 19.46 1.69
N ASP A 121 -10.75 19.32 2.91
CA ASP A 121 -10.79 20.45 3.85
C ASP A 121 -9.39 20.71 4.40
N ILE A 122 -8.72 21.71 3.82
CA ILE A 122 -7.34 22.06 4.14
C ILE A 122 -7.19 23.53 3.81
N ASN A 123 -6.20 24.18 4.44
CA ASN A 123 -5.92 25.57 4.15
C ASN A 123 -4.51 25.67 3.59
N PHE A 124 -4.45 25.80 2.26
CA PHE A 124 -3.19 25.95 1.57
C PHE A 124 -2.61 27.36 1.72
N ASN A 125 -3.44 28.34 2.09
CA ASN A 125 -3.01 29.74 2.09
C ASN A 125 -2.39 30.13 3.42
N ASN A 126 -2.95 29.61 4.52
CA ASN A 126 -2.51 29.92 5.87
C ASN A 126 -2.68 28.63 6.68
N SER A 127 -1.57 27.95 6.93
CA SER A 127 -1.59 26.65 7.57
C SER A 127 -1.27 26.71 9.05
N GLU A 128 -1.40 27.90 9.68
CA GLU A 128 -0.97 28.08 11.06
C GLU A 128 -1.71 27.21 12.07
N SER A 129 -2.89 26.68 11.73
CA SER A 129 -3.68 25.96 12.71
C SER A 129 -4.23 24.65 12.16
N ASN A 130 -3.96 23.58 12.88
CA ASN A 130 -4.55 22.26 12.68
C ASN A 130 -4.24 21.65 11.31
N HIS A 131 -3.06 21.95 10.73
CA HIS A 131 -2.73 21.40 9.41
C HIS A 131 -2.67 19.88 9.50
N ILE A 132 -1.99 19.37 10.53
CA ILE A 132 -1.81 17.92 10.68
C ILE A 132 -3.14 17.23 10.94
N GLY A 133 -3.98 17.80 11.81
CA GLY A 133 -5.28 17.21 12.06
C GLY A 133 -6.13 17.11 10.80
N LEU A 134 -6.06 18.14 9.95
CA LEU A 134 -6.85 18.11 8.72
C LEU A 134 -6.34 17.05 7.74
N VAL A 135 -5.02 16.87 7.67
CA VAL A 135 -4.47 15.77 6.87
C VAL A 135 -4.96 14.44 7.40
N LYS A 136 -4.89 14.23 8.72
CA LYS A 136 -5.34 12.97 9.28
C LYS A 136 -6.81 12.74 9.02
N ASP A 137 -7.64 13.77 9.16
CA ASP A 137 -9.08 13.60 8.95
C ASP A 137 -9.36 13.13 7.54
N HIS A 138 -8.72 13.75 6.56
CA HIS A 138 -8.89 13.38 5.17
C HIS A 138 -8.49 11.91 4.94
N MET A 139 -7.33 11.51 5.49
CA MET A 139 -6.90 10.12 5.34
C MET A 139 -7.95 9.16 5.89
N MET A 140 -8.54 9.47 7.05
CA MET A 140 -9.53 8.56 7.63
C MET A 140 -10.79 8.51 6.79
N THR A 141 -11.19 9.67 6.22
CA THR A 141 -12.34 9.72 5.32
C THR A 141 -12.09 8.85 4.09
N LEU A 142 -10.91 8.99 3.46
CA LEU A 142 -10.59 8.14 2.32
C LEU A 142 -10.54 6.66 2.71
N GLY A 143 -9.98 6.35 3.88
CA GLY A 143 -9.99 4.96 4.32
C GLY A 143 -11.41 4.41 4.43
N LYS A 144 -12.34 5.23 4.88
CA LYS A 144 -13.72 4.75 4.98
C LYS A 144 -14.32 4.52 3.59
N ILE A 145 -14.11 5.47 2.67
CA ILE A 145 -14.71 5.39 1.34
C ILE A 145 -14.20 4.18 0.58
N PHE A 146 -12.92 3.87 0.72
CA PHE A 146 -12.29 2.82 -0.07
C PHE A 146 -12.14 1.53 0.70
N ASN A 147 -12.79 1.43 1.86
CA ASN A 147 -12.72 0.23 2.70
C ASN A 147 -11.27 -0.09 3.06
N LYS A 148 -10.50 0.95 3.34
CA LYS A 148 -9.11 0.78 3.77
C LYS A 148 -8.91 1.43 5.14
N GLU A 149 -9.82 1.19 6.08
CA GLU A 149 -9.76 1.84 7.40
C GLU A 149 -8.51 1.42 8.19
N ASP A 150 -8.21 0.12 8.23
CA ASP A 150 -7.04 -0.31 9.00
C ASP A 150 -5.74 0.30 8.45
N LEU A 151 -5.58 0.32 7.12
CA LEU A 151 -4.37 0.92 6.56
C LEU A 151 -4.36 2.43 6.76
N ALA A 152 -5.53 3.06 6.69
CA ALA A 152 -5.63 4.49 6.95
C ALA A 152 -5.19 4.82 8.37
N ARG A 153 -5.69 4.05 9.34
CA ARG A 153 -5.33 4.26 10.73
C ARG A 153 -3.84 4.05 10.96
N GLN A 154 -3.24 3.07 10.29
CA GLN A 154 -1.78 2.89 10.36
C GLN A 154 -1.03 4.12 9.83
N LYS A 155 -1.44 4.66 8.67
CA LYS A 155 -0.77 5.84 8.13
C LYS A 155 -0.92 7.05 9.06
N VAL A 156 -2.09 7.18 9.69
CA VAL A 156 -2.28 8.25 10.68
C VAL A 156 -1.33 8.05 11.86
N SER A 157 -1.21 6.81 12.34
CA SER A 157 -0.28 6.52 13.44
C SER A 157 1.16 6.85 13.05
N GLU A 158 1.53 6.55 11.79
CA GLU A 158 2.87 6.86 11.32
C GLU A 158 3.10 8.37 11.26
N LEU A 159 2.13 9.11 10.75
CA LEU A 159 2.25 10.57 10.73
C LEU A 159 2.40 11.10 12.15
N ASP A 160 1.60 10.60 13.10
CA ASP A 160 1.72 11.02 14.50
C ASP A 160 3.13 10.77 15.04
N GLU A 161 3.67 9.57 14.80
CA GLU A 161 5.03 9.28 15.26
C GLU A 161 6.06 10.21 14.60
N GLN A 162 5.91 10.47 13.31
CA GLN A 162 6.85 11.38 12.66
C GLN A 162 6.81 12.76 13.29
N VAL A 163 5.60 13.26 13.57
CA VAL A 163 5.44 14.54 14.24
C VAL A 163 6.10 14.52 15.62
N LYS A 164 5.94 13.43 16.36
CA LYS A 164 6.60 13.34 17.65
C LYS A 164 8.10 13.40 17.50
N GLN A 165 8.63 12.77 16.44
CA GLN A 165 10.07 12.77 16.19
C GLN A 165 10.61 14.17 15.92
N VAL A 166 9.94 14.94 15.05
CA VAL A 166 10.44 16.28 14.77
C VAL A 166 10.26 17.19 16.00
N GLN A 167 9.17 17.02 16.75
CA GLN A 167 8.97 17.81 17.96
C GLN A 167 10.02 17.48 19.03
N ALA A 168 10.49 16.23 19.07
CA ALA A 168 11.57 15.87 19.97
C ALA A 168 12.87 16.54 19.56
N VAL A 169 13.06 16.79 18.26
CA VAL A 169 14.25 17.45 17.77
C VAL A 169 14.17 18.94 18.03
N THR A 170 13.01 19.56 17.84
CA THR A 170 12.95 21.00 18.00
C THR A 170 12.79 21.43 19.46
N ALA A 171 12.45 20.49 20.34
CA ALA A 171 12.06 20.84 21.70
C ALA A 171 13.19 21.57 22.41
N ASN A 172 12.86 22.71 23.01
CA ASN A 172 13.79 23.50 23.82
C ASN A 172 15.00 24.03 23.05
N ARG A 173 14.98 23.97 21.72
CA ARG A 173 16.12 24.48 20.98
C ARG A 173 16.04 26.00 20.82
N PRO A 174 17.18 26.70 20.93
CA PRO A 174 17.14 28.16 20.86
C PRO A 174 17.07 28.73 19.44
N GLU A 175 17.37 27.95 18.41
CA GLU A 175 17.46 28.48 17.06
C GLU A 175 16.12 29.02 16.59
N ARG A 176 16.18 30.09 15.81
CA ARG A 176 15.00 30.62 15.13
C ARG A 176 15.22 30.51 13.61
N ALA A 177 14.16 30.19 12.87
CA ALA A 177 14.30 29.91 11.44
C ALA A 177 13.47 30.84 10.57
N LEU A 178 13.92 30.97 9.31
CA LEU A 178 13.10 31.49 8.24
C LEU A 178 12.84 30.37 7.25
N VAL A 179 11.64 30.37 6.68
CA VAL A 179 11.31 29.63 5.46
C VAL A 179 11.23 30.62 4.30
N VAL A 180 12.07 30.46 3.30
CA VAL A 180 12.11 31.39 2.18
C VAL A 180 11.90 30.62 0.89
N LEU A 181 11.17 31.23 -0.05
CA LEU A 181 10.85 30.65 -1.34
C LEU A 181 11.71 31.31 -2.40
N HIS A 182 12.39 30.49 -3.19
CA HIS A 182 13.15 31.00 -4.31
C HIS A 182 12.29 30.97 -5.56
N ASN A 183 12.27 32.08 -6.31
CA ASN A 183 11.58 32.13 -7.57
C ASN A 183 12.37 33.02 -8.52
N ASN A 184 13.05 32.38 -9.47
CA ASN A 184 13.72 33.07 -10.58
C ASN A 184 14.63 34.18 -10.06
N GLY A 185 15.47 33.81 -9.10
CA GLY A 185 16.45 34.72 -8.51
C GLY A 185 15.95 35.61 -7.41
N ALA A 186 14.64 35.65 -7.15
CA ALA A 186 14.06 36.43 -6.07
C ALA A 186 13.74 35.52 -4.89
N PHE A 187 13.86 36.06 -3.70
CA PHE A 187 13.58 35.33 -2.46
C PHE A 187 12.52 36.07 -1.64
N SER A 188 11.55 35.34 -1.11
CA SER A 188 10.53 35.95 -0.26
C SER A 188 10.30 35.08 0.97
N ASN A 189 10.03 35.73 2.10
CA ASN A 189 9.86 35.06 3.37
C ASN A 189 8.41 34.60 3.56
N PHE A 190 8.24 33.40 4.08
CA PHE A 190 6.92 32.87 4.44
C PHE A 190 6.87 32.63 5.93
N GLY A 191 6.01 33.39 6.61
CA GLY A 191 5.99 33.43 8.06
C GLY A 191 4.91 32.58 8.70
N ILE A 192 4.60 32.92 9.96
CA ILE A 192 3.73 32.08 10.76
C ILE A 192 2.29 32.02 10.22
N GLN A 193 1.89 32.98 9.40
CA GLN A 193 0.52 33.00 8.89
C GLN A 193 0.46 32.70 7.39
N SER A 194 1.50 32.09 6.86
CA SER A 194 1.64 31.78 5.45
C SER A 194 1.35 30.31 5.18
N ARG A 195 1.58 29.88 3.93
CA ARG A 195 1.38 28.49 3.57
C ARG A 195 2.31 27.57 4.34
N TYR A 196 3.42 28.11 4.87
CA TYR A 196 4.36 27.35 5.68
C TYR A 196 4.21 27.64 7.17
N GLY A 197 3.06 28.19 7.59
CA GLY A 197 2.79 28.35 9.01
C GLY A 197 2.89 27.07 9.80
N PHE A 198 2.54 25.94 9.19
CA PHE A 198 2.57 24.69 9.93
C PHE A 198 3.98 24.26 10.32
N ILE A 199 4.99 24.70 9.60
CA ILE A 199 6.37 24.40 10.01
C ILE A 199 6.61 24.87 11.43
N PHE A 200 6.10 26.07 11.73
CA PHE A 200 6.25 26.67 13.05
C PHE A 200 5.27 26.07 14.06
N ASN A 201 3.99 26.02 13.69
N ASN A 201 4.00 25.97 13.73
CA ASN A 201 2.95 25.59 14.62
CA ASN A 201 3.08 25.60 14.82
C ASN A 201 3.08 24.10 14.93
C ASN A 201 2.73 24.12 14.87
N ALA A 202 3.12 23.29 13.89
CA ALA A 202 2.97 21.84 14.06
C ALA A 202 4.23 21.18 14.57
N PHE A 203 5.39 21.68 14.15
CA PHE A 203 6.66 21.01 14.40
C PHE A 203 7.50 21.70 15.45
N GLY A 204 7.08 22.88 15.94
CA GLY A 204 7.78 23.56 17.03
C GLY A 204 9.00 24.35 16.60
N VAL A 205 9.15 24.60 15.29
CA VAL A 205 10.21 25.49 14.81
C VAL A 205 9.89 26.92 15.25
N LYS A 206 10.90 27.59 15.82
CA LYS A 206 10.70 28.95 16.31
C LYS A 206 10.96 29.95 15.17
N PRO A 207 10.04 30.87 14.89
CA PRO A 207 10.22 31.77 13.75
C PRO A 207 11.16 32.91 14.08
N ALA A 208 11.96 33.29 13.08
CA ALA A 208 12.89 34.43 13.20
C ALA A 208 12.19 35.78 13.04
N SER A 209 10.99 35.81 12.44
CA SER A 209 10.17 37.01 12.47
C SER A 209 8.77 36.63 12.93
N GLY A 210 8.14 37.54 13.67
CA GLY A 210 6.78 37.32 14.13
C GLY A 210 5.78 38.26 13.50
N VAL A 211 6.28 39.31 12.84
CA VAL A 211 5.39 40.32 12.27
C VAL A 211 4.63 39.71 11.11
N VAL A 212 3.30 39.93 11.08
CA VAL A 212 2.47 39.45 9.99
C VAL A 212 2.54 40.42 8.82
N ASP A 213 2.87 39.91 7.64
CA ASP A 213 2.95 40.75 6.44
C ASP A 213 1.72 40.58 5.53
N HIS A 217 2.01 35.70 -1.45
CA HIS A 217 3.22 36.02 -2.20
C HIS A 217 4.46 35.96 -1.33
N GLY A 218 4.29 36.31 -0.05
CA GLY A 218 5.40 36.41 0.88
C GLY A 218 6.00 37.81 0.92
N GLN A 219 6.89 38.00 1.90
CA GLN A 219 7.58 39.27 2.08
C GLN A 219 8.94 39.21 1.38
N PRO A 220 9.15 39.98 0.29
CA PRO A 220 10.47 39.93 -0.35
C PRO A 220 11.58 40.29 0.62
N ILE A 221 12.74 39.67 0.41
CA ILE A 221 13.85 39.79 1.34
C ILE A 221 14.48 41.17 1.13
N SER A 222 14.35 42.03 2.14
CA SER A 222 15.02 43.33 2.18
C SER A 222 16.11 43.35 3.23
N SER A 223 17.02 44.32 3.08
CA SER A 223 18.10 44.43 4.06
C SER A 223 17.54 44.72 5.44
N GLU A 224 16.48 45.54 5.50
CA GLU A 224 15.89 45.90 6.78
C GLU A 224 15.26 44.69 7.44
N PHE A 225 14.60 43.84 6.66
CA PHE A 225 13.97 42.65 7.21
C PHE A 225 15.00 41.69 7.76
N ILE A 226 16.02 41.37 6.97
N ILE A 226 16.01 41.36 6.96
CA ILE A 226 16.99 40.38 7.40
CA ILE A 226 17.00 40.38 7.40
C ILE A 226 17.83 40.90 8.57
C ILE A 226 17.83 40.90 8.57
N LYS A 227 18.00 42.23 8.68
CA LYS A 227 18.67 42.76 9.87
C LYS A 227 17.87 42.48 11.16
N LYS A 228 16.54 42.59 11.09
CA LYS A 228 15.75 42.45 12.31
C LYS A 228 15.28 41.02 12.53
N ALA A 229 15.34 40.19 11.50
CA ALA A 229 14.96 38.79 11.53
C ALA A 229 16.09 37.96 10.93
N ASP A 230 17.20 37.87 11.67
CA ASP A 230 18.40 37.17 11.22
C ASP A 230 18.32 35.73 11.67
N PRO A 231 18.08 34.80 10.78
CA PRO A 231 17.79 33.42 11.21
C PRO A 231 19.06 32.64 11.51
N ASP A 232 18.92 31.74 12.47
CA ASP A 232 19.93 30.74 12.79
C ASP A 232 19.84 29.53 11.87
N ILE A 233 18.64 29.25 11.34
CA ILE A 233 18.40 28.16 10.39
C ILE A 233 17.62 28.74 9.22
N LEU A 234 17.94 28.28 8.01
CA LEU A 234 17.27 28.75 6.80
C LEU A 234 16.84 27.56 5.96
N TYR A 235 15.54 27.46 5.71
CA TYR A 235 14.93 26.49 4.80
C TYR A 235 14.56 27.24 3.52
N ILE A 236 15.16 26.83 2.41
CA ILE A 236 14.96 27.45 1.10
C ILE A 236 14.17 26.49 0.23
N VAL A 237 12.99 26.94 -0.17
CA VAL A 237 12.08 26.21 -1.04
C VAL A 237 12.28 26.73 -2.46
N ASP A 238 12.73 25.86 -3.35
CA ASP A 238 13.06 26.30 -4.70
C ASP A 238 11.84 26.06 -5.59
N ARG A 239 11.01 27.10 -5.72
CA ARG A 239 9.82 27.03 -6.56
C ARG A 239 10.18 26.85 -8.03
N THR A 240 11.29 27.43 -8.47
CA THR A 240 11.65 27.43 -9.89
C THR A 240 12.05 26.04 -10.35
N ALA A 241 12.74 25.28 -9.50
CA ALA A 241 13.06 23.90 -9.83
C ALA A 241 11.81 23.11 -10.24
N VAL A 242 10.73 23.25 -9.46
CA VAL A 242 9.47 22.59 -9.79
C VAL A 242 8.89 23.14 -11.08
N MET A 243 8.67 24.47 -11.14
CA MET A 243 7.81 25.09 -12.15
C MET A 243 8.43 25.04 -13.54
N GLU A 244 9.71 25.35 -13.61
CA GLU A 244 10.48 25.31 -14.84
C GLU A 244 11.19 23.98 -15.01
N HIS A 245 10.86 22.99 -14.17
CA HIS A 245 11.50 21.69 -14.25
C HIS A 245 12.99 21.93 -14.49
N ARG A 246 13.67 22.46 -13.48
CA ARG A 246 15.11 22.65 -13.48
C ARG A 246 15.66 22.01 -12.21
N PRO A 247 16.95 21.68 -12.18
CA PRO A 247 17.52 21.18 -10.91
C PRO A 247 17.40 22.21 -9.80
N ASN A 248 17.41 21.70 -8.57
CA ASN A 248 17.33 22.57 -7.40
C ASN A 248 18.58 23.38 -7.24
N ILE A 249 18.43 24.67 -6.91
CA ILE A 249 19.59 25.47 -6.60
C ILE A 249 20.31 24.85 -5.41
N ASN A 250 21.60 25.15 -5.29
CA ASN A 250 22.43 24.74 -4.16
C ASN A 250 23.18 25.98 -3.68
N ALA A 251 24.04 25.81 -2.66
CA ALA A 251 24.74 26.96 -2.08
C ALA A 251 25.45 27.80 -3.15
N ALA A 252 26.05 27.15 -4.13
CA ALA A 252 26.78 27.91 -5.14
C ALA A 252 25.86 28.66 -6.10
N SER A 253 24.56 28.34 -6.15
CA SER A 253 23.65 29.11 -6.97
C SER A 253 23.29 30.47 -6.37
N VAL A 254 23.47 30.62 -5.07
CA VAL A 254 22.85 31.74 -4.36
C VAL A 254 23.78 32.93 -4.51
N GLU A 255 23.33 33.93 -5.22
CA GLU A 255 24.02 35.20 -5.35
C GLU A 255 23.59 36.17 -4.27
N ASN A 256 22.38 36.03 -3.78
CA ASN A 256 21.75 36.99 -2.88
C ASN A 256 22.60 37.26 -1.64
N PRO A 257 23.15 38.48 -1.52
CA PRO A 257 24.00 38.79 -0.38
C PRO A 257 23.25 38.87 0.95
N LEU A 258 21.98 39.25 0.94
CA LEU A 258 21.25 39.29 2.21
C LEU A 258 21.18 37.91 2.83
N LEU A 259 20.94 36.88 2.01
CA LEU A 259 20.88 35.53 2.55
C LEU A 259 22.26 35.07 2.99
N ARG A 260 23.31 35.47 2.26
CA ARG A 260 24.62 34.95 2.59
C ARG A 260 25.25 35.64 3.80
N GLN A 261 24.67 36.71 4.33
CA GLN A 261 25.24 37.29 5.54
C GLN A 261 24.50 36.90 6.81
N THR A 262 23.51 35.99 6.70
CA THR A 262 22.80 35.50 7.88
C THR A 262 23.66 34.54 8.68
N LYS A 263 23.31 34.40 9.97
CA LYS A 263 23.94 33.41 10.83
C LYS A 263 23.80 32.01 10.23
N ALA A 264 22.61 31.70 9.68
CA ALA A 264 22.39 30.37 9.13
C ALA A 264 23.41 30.06 8.06
N TRP A 265 23.67 31.02 7.17
CA TRP A 265 24.61 30.80 6.08
C TRP A 265 26.01 30.60 6.62
N LYS A 266 26.44 31.51 7.51
CA LYS A 266 27.77 31.43 8.10
C LYS A 266 27.99 30.11 8.83
N ASN A 267 26.97 29.64 9.54
CA ASN A 267 27.12 28.46 10.37
C ASN A 267 26.77 27.17 9.63
N GLY A 268 26.38 27.26 8.36
CA GLY A 268 26.09 26.06 7.60
C GLY A 268 24.76 25.43 7.96
N ARG A 269 23.76 26.23 8.31
CA ARG A 269 22.45 25.71 8.67
C ARG A 269 21.44 26.16 7.61
N VAL A 270 21.74 25.90 6.35
CA VAL A 270 20.90 26.24 5.21
C VAL A 270 20.48 24.92 4.58
N ILE A 271 19.18 24.68 4.54
CA ILE A 271 18.64 23.44 3.99
C ILE A 271 17.89 23.76 2.70
N PHE A 272 18.39 23.20 1.59
CA PHE A 272 17.72 23.28 0.30
C PHE A 272 16.72 22.13 0.26
N VAL A 273 15.46 22.45 0.51
CA VAL A 273 14.50 21.40 0.84
C VAL A 273 14.04 20.67 -0.42
N ASP A 274 13.33 19.56 -0.23
CA ASP A 274 12.70 18.81 -1.33
C ASP A 274 11.46 19.58 -1.77
N ALA A 275 11.59 20.33 -2.87
CA ALA A 275 10.56 21.24 -3.37
C ALA A 275 9.31 20.47 -3.81
N ASP A 276 9.48 19.23 -4.27
CA ASP A 276 8.31 18.41 -4.61
C ASP A 276 7.44 18.19 -3.37
N ALA A 277 8.07 17.94 -2.23
CA ALA A 277 7.33 17.70 -0.99
C ALA A 277 6.87 19.00 -0.33
N TRP A 278 7.65 20.07 -0.47
CA TRP A 278 7.33 21.32 0.22
C TRP A 278 6.43 22.25 -0.57
N TYR A 279 6.52 22.22 -1.91
CA TYR A 279 5.78 23.15 -2.74
C TYR A 279 4.65 22.49 -3.50
N THR A 280 4.93 21.40 -4.21
CA THR A 280 3.87 20.75 -5.01
C THR A 280 2.80 20.10 -4.15
N THR A 281 3.13 19.67 -2.93
CA THR A 281 2.20 18.90 -2.13
C THR A 281 2.07 19.50 -0.73
N ALA A 282 2.89 19.05 0.21
CA ALA A 282 2.95 19.62 1.57
C ALA A 282 1.72 19.32 2.42
N ALA A 283 0.82 18.48 1.93
CA ALA A 283 -0.38 18.19 2.67
C ALA A 283 -0.83 16.75 2.45
N SER A 284 0.10 15.82 2.54
CA SER A 284 -0.20 14.43 2.28
C SER A 284 0.83 13.57 3.00
N PRO A 285 0.59 12.26 3.10
CA PRO A 285 1.44 11.45 3.98
C PRO A 285 2.90 11.39 3.59
N THR A 286 3.20 11.13 2.30
CA THR A 286 4.59 11.03 1.90
C THR A 286 5.27 12.38 2.02
N SER A 287 4.57 13.44 1.57
CA SER A 287 5.19 14.76 1.52
C SER A 287 5.52 15.24 2.92
N LEU A 288 4.61 15.04 3.89
CA LEU A 288 4.85 15.52 5.24
C LEU A 288 5.98 14.74 5.90
N LYS A 289 6.08 13.43 5.62
CA LYS A 289 7.22 12.67 6.10
C LYS A 289 8.54 13.30 5.65
N ILE A 290 8.63 13.63 4.35
CA ILE A 290 9.80 14.27 3.77
C ILE A 290 10.04 15.65 4.38
N VAL A 291 8.98 16.47 4.48
CA VAL A 291 9.11 17.79 5.06
C VAL A 291 9.74 17.69 6.46
N MET A 292 9.27 16.75 7.26
CA MET A 292 9.77 16.62 8.62
C MET A 292 11.21 16.16 8.66
N GLU A 293 11.60 15.25 7.75
CA GLU A 293 13.02 14.92 7.64
C GLU A 293 13.85 16.15 7.28
N ASP A 294 13.35 17.01 6.39
CA ASP A 294 14.09 18.23 6.03
C ASP A 294 14.18 19.15 7.24
N VAL A 295 13.06 19.33 7.94
CA VAL A 295 13.08 20.19 9.12
C VAL A 295 14.14 19.69 10.11
N LYS A 296 14.23 18.36 10.30
CA LYS A 296 15.19 17.82 11.27
C LYS A 296 16.62 18.10 10.85
N LYS A 297 16.90 18.04 9.54
CA LYS A 297 18.22 18.35 9.06
C LYS A 297 18.66 19.77 9.43
N GLY A 298 17.72 20.71 9.55
CA GLY A 298 18.08 22.05 9.97
C GLY A 298 18.64 22.12 11.37
N TYR A 299 18.29 21.15 12.22
CA TYR A 299 18.73 21.14 13.60
C TYR A 299 19.94 20.24 13.82
N GLN A 300 20.40 19.56 12.79
CA GLN A 300 21.38 18.48 12.93
C GLN A 300 22.75 19.11 12.93
N LEU A 301 23.38 19.14 14.10
CA LEU A 301 24.68 19.80 14.26
C LEU A 301 25.85 18.95 13.76
N GLU A 302 25.68 17.64 13.61
CA GLU A 302 26.76 16.75 13.22
C GLU A 302 26.24 15.70 12.25
N HIS A 303 27.16 15.07 11.51
CA HIS A 303 26.77 14.07 10.53
C HIS A 303 26.55 12.69 11.14
N GLU B 17 14.22 -4.23 22.29
CA GLU B 17 13.67 -5.54 22.61
C GLU B 17 13.78 -6.49 21.42
N PRO B 18 14.99 -6.94 21.13
CA PRO B 18 15.18 -7.86 19.99
C PRO B 18 14.15 -8.99 19.98
N ILE B 19 13.87 -9.49 18.78
CA ILE B 19 12.86 -10.52 18.56
C ILE B 19 13.58 -11.82 18.20
N THR B 20 13.30 -12.88 18.93
CA THR B 20 13.84 -14.20 18.61
C THR B 20 12.74 -15.04 17.96
N VAL B 21 12.98 -15.49 16.74
CA VAL B 21 12.05 -16.31 16.00
C VAL B 21 12.59 -17.73 15.98
N LYS B 22 11.90 -18.62 16.64
CA LYS B 22 12.20 -20.04 16.58
C LYS B 22 11.24 -20.67 15.57
N HIS B 23 11.77 -21.09 14.44
CA HIS B 23 10.96 -21.66 13.39
C HIS B 23 11.42 -23.09 13.13
N ALA B 24 10.85 -23.70 12.09
CA ALA B 24 11.05 -25.12 11.86
C ALA B 24 12.48 -25.44 11.45
N LEU B 25 13.27 -24.45 11.04
CA LEU B 25 14.63 -24.73 10.56
C LEU B 25 15.70 -24.19 11.48
N GLY B 26 15.34 -23.53 12.57
CA GLY B 26 16.33 -22.96 13.46
C GLY B 26 15.76 -21.78 14.21
N THR B 27 16.67 -20.95 14.67
CA THR B 27 16.33 -19.74 15.39
C THR B 27 16.97 -18.56 14.67
N THR B 28 16.21 -17.49 14.58
CA THR B 28 16.68 -16.26 13.97
C THR B 28 16.40 -15.12 14.93
N VAL B 29 17.39 -14.28 15.19
CA VAL B 29 17.20 -13.16 16.09
C VAL B 29 17.30 -11.88 15.28
N ILE B 30 16.32 -11.00 15.46
CA ILE B 30 16.20 -9.76 14.70
C ILE B 30 16.46 -8.61 15.67
N ASP B 31 17.65 -8.00 15.57
CA ASP B 31 18.06 -6.94 16.48
C ASP B 31 17.83 -5.55 15.91
N HIS B 32 17.34 -5.44 14.67
CA HIS B 32 17.06 -4.15 14.07
C HIS B 32 15.77 -4.24 13.27
N LEU B 33 15.27 -3.07 12.89
CA LEU B 33 14.10 -2.99 12.01
C LEU B 33 14.56 -3.17 10.58
N PRO B 34 14.14 -4.23 9.86
CA PRO B 34 14.73 -4.50 8.54
C PRO B 34 14.26 -3.49 7.50
N GLN B 35 15.18 -3.16 6.60
CA GLN B 35 14.97 -2.12 5.59
C GLN B 35 15.06 -2.62 4.16
N ARG B 36 15.63 -3.81 3.94
CA ARG B 36 15.93 -4.36 2.62
C ARG B 36 15.44 -5.81 2.65
N VAL B 37 14.16 -6.02 2.36
CA VAL B 37 13.54 -7.32 2.58
C VAL B 37 13.41 -8.05 1.26
N ALA B 38 13.88 -9.28 1.22
CA ALA B 38 13.62 -10.20 0.13
C ALA B 38 12.55 -11.20 0.57
N VAL B 39 11.56 -11.44 -0.29
CA VAL B 39 10.55 -12.47 -0.07
C VAL B 39 10.69 -13.52 -1.18
N LEU B 40 10.64 -14.78 -0.81
CA LEU B 40 10.92 -15.83 -1.77
C LEU B 40 9.65 -16.54 -2.26
N ASP B 41 8.47 -16.16 -1.82
CA ASP B 41 7.29 -16.62 -2.54
C ASP B 41 6.15 -15.63 -2.38
N MET B 42 5.04 -15.96 -3.04
CA MET B 42 3.96 -14.99 -3.19
C MET B 42 3.10 -14.94 -1.93
N ASN B 43 3.07 -16.01 -1.13
CA ASN B 43 2.44 -15.89 0.18
C ASN B 43 3.12 -14.83 1.03
N GLU B 44 4.44 -14.87 1.10
CA GLU B 44 5.16 -13.87 1.88
C GLU B 44 4.94 -12.46 1.35
N ALA B 45 4.87 -12.30 0.02
CA ALA B 45 4.66 -10.98 -0.54
C ALA B 45 3.32 -10.40 -0.14
N ASP B 46 2.30 -11.26 -0.06
CA ASP B 46 0.97 -10.82 0.32
C ASP B 46 0.91 -10.42 1.80
N PHE B 47 1.60 -11.16 2.68
CA PHE B 47 1.69 -10.72 4.09
C PHE B 47 2.26 -9.31 4.18
N LEU B 48 3.37 -9.06 3.44
CA LEU B 48 4.05 -7.77 3.57
C LEU B 48 3.25 -6.66 2.91
N ASP B 49 2.59 -6.97 1.76
CA ASP B 49 1.65 -6.02 1.18
C ASP B 49 0.57 -5.65 2.19
N GLN B 50 0.01 -6.65 2.88
CA GLN B 50 -1.06 -6.40 3.84
C GLN B 50 -0.56 -5.63 5.07
N LEU B 51 0.68 -5.83 5.49
CA LEU B 51 1.26 -5.06 6.57
C LEU B 51 1.89 -3.75 6.11
N ASN B 52 1.76 -3.41 4.82
CA ASN B 52 2.31 -2.19 4.23
C ASN B 52 3.82 -2.06 4.45
N VAL B 53 4.52 -3.17 4.27
CA VAL B 53 5.97 -3.23 4.45
C VAL B 53 6.62 -3.25 3.07
N PRO B 54 7.55 -2.34 2.78
CA PRO B 54 8.22 -2.34 1.48
C PRO B 54 9.04 -3.61 1.24
N ILE B 55 9.04 -4.04 -0.02
CA ILE B 55 9.75 -5.23 -0.47
C ILE B 55 10.82 -4.76 -1.44
N MET B 56 12.04 -5.27 -1.30
CA MET B 56 13.11 -4.90 -2.20
C MET B 56 13.41 -5.97 -3.26
N GLY B 57 13.05 -7.23 -3.02
CA GLY B 57 13.22 -8.26 -4.04
C GLY B 57 12.17 -9.35 -3.87
N MET B 58 11.74 -9.90 -5.00
CA MET B 58 10.86 -11.07 -4.98
C MET B 58 11.00 -11.79 -6.32
N PRO B 59 10.68 -13.08 -6.37
CA PRO B 59 10.47 -13.72 -7.67
C PRO B 59 9.27 -13.11 -8.36
N LYS B 60 9.36 -13.02 -9.69
CA LYS B 60 8.30 -12.44 -10.51
C LYS B 60 7.80 -13.38 -11.61
N ASP B 61 8.11 -14.69 -11.56
CA ASP B 61 7.61 -15.56 -12.63
C ASP B 61 6.11 -15.75 -12.56
N TYR B 62 5.51 -15.82 -11.34
CA TYR B 62 4.05 -16.03 -11.22
C TYR B 62 3.50 -15.10 -10.14
N VAL B 63 3.28 -13.86 -10.50
CA VAL B 63 2.74 -12.85 -9.57
C VAL B 63 1.24 -12.88 -9.67
N PRO B 64 0.52 -13.17 -8.58
CA PRO B 64 -0.95 -13.17 -8.60
C PRO B 64 -1.51 -11.80 -8.95
N HIS B 65 -2.75 -11.80 -9.48
CA HIS B 65 -3.35 -10.53 -9.89
C HIS B 65 -3.45 -9.53 -8.74
N PHE B 66 -3.70 -10.00 -7.51
CA PHE B 66 -3.81 -9.05 -6.40
C PHE B 66 -2.45 -8.49 -5.96
N LEU B 67 -1.34 -8.95 -6.56
CA LEU B 67 -0.02 -8.38 -6.30
C LEU B 67 0.60 -7.78 -7.55
N GLU B 68 -0.24 -7.48 -8.57
CA GLU B 68 0.35 -7.13 -9.86
C GLU B 68 1.24 -5.90 -9.75
N LYS B 69 0.92 -4.97 -8.85
CA LYS B 69 1.69 -3.73 -8.76
C LYS B 69 3.14 -3.98 -8.39
N TYR B 70 3.44 -5.11 -7.75
CA TYR B 70 4.81 -5.47 -7.46
C TYR B 70 5.50 -6.01 -8.69
N LYS B 71 4.77 -6.68 -9.59
CA LYS B 71 5.41 -7.12 -10.82
C LYS B 71 5.84 -5.92 -11.67
N LYS B 72 5.02 -4.87 -11.68
CA LYS B 72 5.25 -3.69 -12.50
C LYS B 72 6.31 -2.75 -11.95
N ASP B 73 6.75 -2.94 -10.71
CA ASP B 73 7.64 -1.97 -10.07
C ASP B 73 9.08 -2.34 -10.37
N ALA B 74 9.71 -1.55 -11.25
CA ALA B 74 11.09 -1.82 -11.65
C ALA B 74 12.07 -1.69 -10.49
N GLN B 75 11.68 -0.99 -9.43
CA GLN B 75 12.52 -0.83 -8.24
C GLN B 75 12.53 -2.08 -7.35
N ILE B 76 11.66 -3.05 -7.60
CA ILE B 76 11.70 -4.32 -6.89
C ILE B 76 12.49 -5.31 -7.74
N GLN B 77 13.62 -5.78 -7.20
CA GLN B 77 14.49 -6.69 -7.92
C GLN B 77 13.82 -8.05 -8.16
N ASP B 78 13.82 -8.49 -9.42
CA ASP B 78 13.33 -9.82 -9.77
C ASP B 78 14.34 -10.88 -9.36
N LEU B 79 13.92 -11.74 -8.43
CA LEU B 79 14.77 -12.82 -7.93
C LEU B 79 14.58 -14.13 -8.70
N GLY B 80 13.75 -14.15 -9.73
CA GLY B 80 13.63 -15.30 -10.60
C GLY B 80 12.39 -16.12 -10.30
N ALA B 81 12.58 -17.43 -10.08
CA ALA B 81 11.46 -18.35 -9.95
C ALA B 81 11.16 -18.66 -8.49
N ILE B 82 9.86 -18.71 -8.16
CA ILE B 82 9.43 -19.03 -6.80
C ILE B 82 10.08 -20.33 -6.32
N VAL B 83 10.06 -21.37 -7.15
CA VAL B 83 10.49 -22.66 -6.66
C VAL B 83 11.97 -22.72 -6.31
N GLN B 84 12.80 -21.83 -6.88
CA GLN B 84 14.23 -21.80 -6.56
C GLN B 84 14.83 -20.45 -6.94
N PRO B 85 14.64 -19.42 -6.11
CA PRO B 85 15.12 -18.09 -6.48
C PRO B 85 16.62 -18.07 -6.67
N ASN B 86 17.06 -17.09 -7.44
CA ASN B 86 18.43 -16.98 -7.92
C ASN B 86 19.32 -16.53 -6.77
N MET B 87 20.18 -17.43 -6.29
CA MET B 87 21.03 -17.12 -5.15
C MET B 87 22.00 -15.98 -5.45
N GLU B 88 22.49 -15.89 -6.69
CA GLU B 88 23.40 -14.79 -7.02
C GLU B 88 22.71 -13.45 -6.96
N ARG B 89 21.43 -13.39 -7.37
CA ARG B 89 20.67 -12.15 -7.29
C ARG B 89 20.38 -11.78 -5.84
N ILE B 90 20.15 -12.77 -4.98
CA ILE B 90 19.89 -12.48 -3.57
C ILE B 90 21.13 -11.89 -2.92
N TYR B 91 22.29 -12.51 -3.15
CA TYR B 91 23.54 -11.96 -2.64
C TYR B 91 23.74 -10.52 -3.11
N ALA B 92 23.57 -10.28 -4.41
CA ALA B 92 23.77 -8.95 -4.99
C ALA B 92 22.84 -7.91 -4.40
N LEU B 93 21.62 -8.31 -4.00
CA LEU B 93 20.66 -7.40 -3.38
C LEU B 93 21.09 -6.99 -1.97
N LYS B 94 21.90 -7.81 -1.29
CA LYS B 94 22.31 -7.52 0.08
C LYS B 94 21.10 -7.24 0.97
N PRO B 95 20.19 -8.20 1.11
CA PRO B 95 19.03 -8.02 2.00
C PRO B 95 19.45 -8.05 3.46
N ASP B 96 18.66 -7.41 4.30
CA ASP B 96 18.85 -7.58 5.74
C ASP B 96 17.80 -8.49 6.36
N LEU B 97 16.89 -9.04 5.56
CA LEU B 97 15.97 -10.07 6.04
C LEU B 97 15.45 -10.83 4.83
N ILE B 98 15.45 -12.14 4.93
CA ILE B 98 14.91 -13.00 3.88
C ILE B 98 13.76 -13.81 4.48
N LEU B 99 12.59 -13.74 3.83
CA LEU B 99 11.43 -14.53 4.21
C LEU B 99 11.29 -15.68 3.23
N MET B 100 11.37 -16.89 3.74
CA MET B 100 11.25 -18.07 2.91
C MET B 100 10.30 -19.06 3.57
N THR B 101 10.03 -20.13 2.83
CA THR B 101 8.97 -21.06 3.21
C THR B 101 9.43 -22.50 2.96
N PRO B 102 8.59 -23.50 3.25
CA PRO B 102 9.02 -24.89 3.01
C PRO B 102 9.45 -25.15 1.59
N LEU B 103 9.00 -24.34 0.63
CA LEU B 103 9.44 -24.54 -0.76
C LEU B 103 10.96 -24.40 -0.91
N HIS B 104 11.63 -23.69 -0.01
CA HIS B 104 13.03 -23.29 -0.18
C HIS B 104 13.94 -23.92 0.87
N VAL B 105 13.46 -24.97 1.54
CA VAL B 105 14.22 -25.61 2.61
C VAL B 105 15.66 -25.90 2.17
N ASN B 106 15.85 -26.38 0.95
CA ASN B 106 17.17 -26.80 0.50
C ASN B 106 18.12 -25.63 0.25
N GLN B 107 17.61 -24.40 0.25
CA GLN B 107 18.48 -23.23 0.18
C GLN B 107 18.67 -22.54 1.53
N TYR B 108 18.13 -23.08 2.63
CA TYR B 108 18.07 -22.30 3.86
C TYR B 108 19.45 -21.97 4.39
N GLN B 109 20.37 -22.95 4.42
CA GLN B 109 21.69 -22.67 4.97
C GLN B 109 22.39 -21.57 4.18
N GLU B 110 22.31 -21.65 2.85
CA GLU B 110 22.89 -20.62 1.98
C GLU B 110 22.26 -19.25 2.22
N LEU B 111 20.93 -19.23 2.37
CA LEU B 111 20.24 -17.98 2.61
C LEU B 111 20.67 -17.36 3.93
N SER B 112 20.74 -18.18 5.00
CA SER B 112 21.05 -17.67 6.33
C SER B 112 22.48 -17.11 6.40
N LYS B 113 23.36 -17.57 5.53
CA LYS B 113 24.68 -16.96 5.43
C LYS B 113 24.59 -15.53 4.87
N ILE B 114 23.58 -15.25 4.05
CA ILE B 114 23.47 -13.94 3.43
C ILE B 114 22.82 -12.95 4.37
N ALA B 115 21.72 -13.33 5.00
CA ALA B 115 21.01 -12.44 5.92
C ALA B 115 20.24 -13.28 6.91
N PRO B 116 19.78 -12.67 8.00
CA PRO B 116 18.76 -13.33 8.84
C PRO B 116 17.62 -13.83 7.96
N THR B 117 17.25 -15.10 8.15
CA THR B 117 16.27 -15.76 7.30
C THR B 117 15.21 -16.39 8.19
N ILE B 118 13.96 -16.08 7.89
CA ILE B 118 12.81 -16.58 8.65
C ILE B 118 12.10 -17.59 7.76
N HIS B 119 11.80 -18.76 8.33
CA HIS B 119 11.04 -19.84 7.71
C HIS B 119 9.58 -19.75 8.13
N TYR B 120 8.69 -19.72 7.15
CA TYR B 120 7.24 -19.65 7.41
C TYR B 120 6.79 -21.05 7.83
N ASP B 121 6.45 -21.23 9.10
CA ASP B 121 6.00 -22.51 9.61
C ASP B 121 4.60 -22.77 9.10
N ILE B 122 4.49 -23.56 8.03
CA ILE B 122 3.24 -23.85 7.34
C ILE B 122 3.42 -25.23 6.71
N ASN B 123 2.30 -25.91 6.44
CA ASN B 123 2.35 -27.20 5.75
C ASN B 123 1.65 -27.06 4.40
N PHE B 124 2.45 -26.91 3.35
CA PHE B 124 1.89 -26.77 2.02
C PHE B 124 1.41 -28.11 1.47
N ASN B 125 1.93 -29.23 1.99
CA ASN B 125 1.63 -30.53 1.42
C ASN B 125 0.34 -31.15 1.93
N ASN B 126 0.06 -30.95 3.21
CA ASN B 126 -1.09 -31.53 3.89
C ASN B 126 -1.55 -30.44 4.85
N SER B 127 -2.63 -29.76 4.50
CA SER B 127 -3.10 -28.66 5.34
C SER B 127 -4.25 -29.07 6.25
N GLU B 128 -4.35 -30.35 6.60
CA GLU B 128 -5.51 -30.81 7.34
C GLU B 128 -5.60 -30.23 8.74
N SER B 129 -4.53 -29.65 9.28
CA SER B 129 -4.59 -29.22 10.67
C SER B 129 -3.92 -27.88 10.90
N ASN B 130 -4.68 -26.97 11.53
CA ASN B 130 -4.17 -25.70 12.03
C ASN B 130 -3.66 -24.75 10.95
N HIS B 131 -4.19 -24.88 9.72
CA HIS B 131 -3.70 -24.01 8.64
C HIS B 131 -3.89 -22.53 8.97
N ILE B 132 -5.09 -22.17 9.43
CA ILE B 132 -5.38 -20.76 9.74
C ILE B 132 -4.57 -20.29 10.95
N GLY B 133 -4.36 -21.17 11.92
CA GLY B 133 -3.57 -20.78 13.10
C GLY B 133 -2.13 -20.43 12.73
N LEU B 134 -1.51 -21.23 11.88
CA LEU B 134 -0.16 -20.97 11.42
C LEU B 134 -0.09 -19.71 10.57
N VAL B 135 -1.13 -19.44 9.76
CA VAL B 135 -1.16 -18.17 9.03
C VAL B 135 -1.19 -17.00 10.00
N LYS B 136 -2.08 -17.06 10.98
CA LYS B 136 -2.19 -15.96 11.94
C LYS B 136 -0.90 -15.79 12.73
N ASP B 137 -0.26 -16.90 13.12
CA ASP B 137 1.00 -16.83 13.84
C ASP B 137 2.03 -16.05 13.03
N HIS B 138 2.13 -16.38 11.73
CA HIS B 138 3.10 -15.72 10.87
C HIS B 138 2.79 -14.24 10.77
N MET B 139 1.52 -13.87 10.63
CA MET B 139 1.17 -12.46 10.58
C MET B 139 1.65 -11.72 11.83
N MET B 140 1.47 -12.33 13.00
CA MET B 140 1.79 -11.65 14.24
C MET B 140 3.30 -11.56 14.42
N THR B 141 4.04 -12.59 14.00
CA THR B 141 5.49 -12.53 14.03
C THR B 141 6.02 -11.41 13.14
N LEU B 142 5.56 -11.35 11.88
CA LEU B 142 5.97 -10.27 11.01
C LEU B 142 5.60 -8.91 11.60
N GLY B 143 4.42 -8.82 12.23
CA GLY B 143 4.03 -7.56 12.80
C GLY B 143 4.99 -7.09 13.86
N LYS B 144 5.48 -8.03 14.69
CA LYS B 144 6.47 -7.69 15.70
C LYS B 144 7.78 -7.24 15.07
N ILE B 145 8.24 -7.97 14.04
CA ILE B 145 9.49 -7.65 13.38
C ILE B 145 9.45 -6.27 12.77
N PHE B 146 8.30 -5.87 12.20
CA PHE B 146 8.25 -4.66 11.42
C PHE B 146 7.60 -3.51 12.15
N ASN B 147 7.36 -3.67 13.45
CA ASN B 147 6.72 -2.63 14.27
C ASN B 147 5.36 -2.26 13.71
N LYS B 148 4.59 -3.29 13.41
CA LYS B 148 3.28 -3.16 12.80
C LYS B 148 2.31 -4.03 13.57
N GLU B 149 2.49 -4.11 14.90
CA GLU B 149 1.69 -5.04 15.68
C GLU B 149 0.22 -4.69 15.64
N ASP B 150 -0.12 -3.40 15.77
CA ASP B 150 -1.52 -3.02 15.77
C ASP B 150 -2.16 -3.44 14.45
N LEU B 151 -1.51 -3.12 13.33
CA LEU B 151 -2.05 -3.47 12.02
C LEU B 151 -2.17 -4.98 11.88
N ALA B 152 -1.14 -5.72 12.29
CA ALA B 152 -1.20 -7.17 12.17
C ALA B 152 -2.38 -7.74 12.96
N ARG B 153 -2.57 -7.27 14.20
CA ARG B 153 -3.70 -7.68 15.01
C ARG B 153 -5.02 -7.44 14.29
N GLN B 154 -5.15 -6.28 13.63
CA GLN B 154 -6.35 -5.97 12.87
C GLN B 154 -6.55 -6.94 11.71
N LYS B 155 -5.48 -7.28 10.99
CA LYS B 155 -5.60 -8.25 9.90
C LYS B 155 -5.95 -9.64 10.42
N VAL B 156 -5.38 -10.03 11.56
CA VAL B 156 -5.74 -11.32 12.16
C VAL B 156 -7.23 -11.33 12.49
N SER B 157 -7.73 -10.24 13.09
CA SER B 157 -9.16 -10.11 13.37
C SER B 157 -10.00 -10.19 12.10
N GLU B 158 -9.55 -9.53 11.04
CA GLU B 158 -10.25 -9.62 9.76
C GLU B 158 -10.34 -11.06 9.26
N LEU B 159 -9.23 -11.80 9.33
CA LEU B 159 -9.22 -13.18 8.86
C LEU B 159 -10.12 -14.06 9.72
N ASP B 160 -10.13 -13.86 11.05
CA ASP B 160 -11.01 -14.64 11.90
C ASP B 160 -12.48 -14.38 11.56
N GLU B 161 -12.82 -13.12 11.29
CA GLU B 161 -14.19 -12.78 10.88
C GLU B 161 -14.58 -13.44 9.56
N GLN B 162 -13.66 -13.52 8.61
CA GLN B 162 -13.94 -14.20 7.34
C GLN B 162 -14.14 -15.69 7.56
N VAL B 163 -13.29 -16.30 8.39
CA VAL B 163 -13.48 -17.71 8.75
C VAL B 163 -14.86 -17.91 9.38
N LYS B 164 -15.24 -17.06 10.34
CA LYS B 164 -16.56 -17.17 10.94
C LYS B 164 -17.65 -17.10 9.89
N GLN B 165 -17.48 -16.25 8.89
CA GLN B 165 -18.53 -16.11 7.87
C GLN B 165 -18.64 -17.36 6.98
N VAL B 166 -17.50 -17.94 6.60
CA VAL B 166 -17.60 -19.16 5.79
C VAL B 166 -18.09 -20.32 6.66
N GLN B 167 -17.70 -20.37 7.94
CA GLN B 167 -18.22 -21.43 8.80
C GLN B 167 -19.74 -21.33 8.97
N ALA B 168 -20.28 -20.11 8.98
CA ALA B 168 -21.73 -19.94 9.08
C ALA B 168 -22.45 -20.37 7.82
N VAL B 169 -21.82 -20.23 6.65
CA VAL B 169 -22.40 -20.72 5.41
C VAL B 169 -22.39 -22.24 5.38
N THR B 170 -21.28 -22.88 5.79
CA THR B 170 -21.24 -24.33 5.71
C THR B 170 -21.93 -25.04 6.87
N ALA B 171 -22.27 -24.32 7.93
CA ALA B 171 -22.79 -24.94 9.14
C ALA B 171 -24.03 -25.77 8.83
N ASN B 172 -23.99 -27.07 9.21
CA ASN B 172 -25.15 -27.96 9.10
C ASN B 172 -25.53 -28.27 7.67
N ARG B 173 -24.71 -27.91 6.71
CA ARG B 173 -25.17 -28.14 5.33
C ARG B 173 -24.90 -29.59 4.91
N PRO B 174 -25.81 -30.19 4.13
CA PRO B 174 -25.66 -31.60 3.76
C PRO B 174 -24.70 -31.87 2.60
N GLU B 175 -24.42 -30.86 1.79
CA GLU B 175 -23.62 -31.04 0.59
C GLU B 175 -22.26 -31.60 0.93
N ARG B 176 -21.75 -32.44 0.03
CA ARG B 176 -20.39 -32.94 0.08
C ARG B 176 -19.67 -32.49 -1.18
N ALA B 177 -18.41 -32.10 -1.04
CA ALA B 177 -17.68 -31.45 -2.11
C ALA B 177 -16.43 -32.23 -2.46
N LEU B 178 -15.98 -32.05 -3.72
CA LEU B 178 -14.61 -32.36 -4.13
C LEU B 178 -13.88 -31.09 -4.51
N VAL B 179 -12.59 -31.06 -4.25
CA VAL B 179 -11.67 -30.09 -4.82
C VAL B 179 -10.83 -30.83 -5.84
N VAL B 180 -10.88 -30.40 -7.08
CA VAL B 180 -10.19 -31.07 -8.18
C VAL B 180 -9.30 -30.08 -8.89
N LEU B 181 -8.11 -30.54 -9.26
CA LEU B 181 -7.11 -29.71 -9.91
C LEU B 181 -7.11 -30.04 -11.39
N HIS B 182 -7.16 -29.02 -12.22
CA HIS B 182 -7.04 -29.21 -13.66
C HIS B 182 -5.61 -28.96 -14.09
N ASN B 183 -5.03 -29.91 -14.84
CA ASN B 183 -3.72 -29.75 -15.42
C ASN B 183 -3.66 -30.36 -16.82
N ASN B 184 -3.62 -29.49 -17.83
CA ASN B 184 -3.38 -29.91 -19.22
C ASN B 184 -4.37 -31.00 -19.64
N GLY B 185 -5.65 -30.73 -19.39
CA GLY B 185 -6.74 -31.62 -19.76
C GLY B 185 -6.98 -32.78 -18.81
N ALA B 186 -6.22 -32.92 -17.74
CA ALA B 186 -6.44 -33.99 -16.76
C ALA B 186 -6.88 -33.40 -15.43
N PHE B 187 -7.70 -34.17 -14.69
CA PHE B 187 -8.25 -33.73 -13.41
C PHE B 187 -7.85 -34.72 -12.33
N SER B 188 -7.48 -34.21 -11.15
CA SER B 188 -7.11 -35.06 -10.03
C SER B 188 -7.75 -34.54 -8.75
N ASN B 189 -8.12 -35.47 -7.88
CA ASN B 189 -8.79 -35.11 -6.65
C ASN B 189 -7.82 -34.77 -5.52
N PHE B 190 -8.19 -33.75 -4.75
CA PHE B 190 -7.40 -33.28 -3.60
C PHE B 190 -8.28 -33.34 -2.35
N GLY B 191 -8.02 -34.35 -1.53
CA GLY B 191 -8.86 -34.71 -0.41
C GLY B 191 -8.38 -34.14 0.91
N ILE B 192 -8.81 -34.80 1.98
CA ILE B 192 -8.70 -34.20 3.30
C ILE B 192 -7.26 -34.13 3.82
N GLN B 193 -6.33 -34.92 3.30
CA GLN B 193 -4.94 -34.85 3.72
C GLN B 193 -4.04 -34.28 2.65
N SER B 194 -4.60 -33.53 1.74
CA SER B 194 -3.90 -32.92 0.63
C SER B 194 -3.56 -31.47 0.97
N ARG B 195 -2.99 -30.77 -0.01
CA ARG B 195 -2.74 -29.34 0.11
C ARG B 195 -4.03 -28.56 0.31
N TYR B 196 -5.18 -29.11 -0.06
CA TYR B 196 -6.47 -28.47 0.12
C TYR B 196 -7.24 -29.03 1.30
N GLY B 197 -6.56 -29.78 2.18
CA GLY B 197 -7.20 -30.27 3.39
C GLY B 197 -7.83 -29.19 4.26
N PHE B 198 -7.29 -27.97 4.21
CA PHE B 198 -7.84 -26.92 5.06
C PHE B 198 -9.23 -26.47 4.59
N ILE B 199 -9.57 -26.69 3.33
CA ILE B 199 -10.93 -26.38 2.89
C ILE B 199 -11.94 -27.13 3.74
N PHE B 200 -11.69 -28.40 3.97
CA PHE B 200 -12.56 -29.28 4.73
C PHE B 200 -12.43 -29.01 6.22
N ASN B 201 -11.20 -28.97 6.72
N ASN B 201 -11.23 -28.94 6.75
CA ASN B 201 -10.96 -28.88 8.16
CA ASN B 201 -11.17 -28.92 8.22
C ASN B 201 -11.30 -27.49 8.68
C ASN B 201 -11.13 -27.51 8.81
N ALA B 202 -10.76 -26.47 8.05
CA ALA B 202 -10.90 -25.13 8.61
C ALA B 202 -12.27 -24.51 8.34
N PHE B 203 -12.87 -24.78 7.18
CA PHE B 203 -14.07 -24.05 6.78
C PHE B 203 -15.34 -24.88 6.92
N GLY B 204 -15.22 -26.16 7.29
CA GLY B 204 -16.38 -26.97 7.55
C GLY B 204 -17.03 -27.57 6.32
N VAL B 205 -16.35 -27.55 5.18
CA VAL B 205 -16.83 -28.25 4.00
C VAL B 205 -16.71 -29.76 4.20
N LYS B 206 -17.79 -30.46 3.89
CA LYS B 206 -17.84 -31.92 4.05
C LYS B 206 -17.25 -32.60 2.82
N PRO B 207 -16.28 -33.48 2.97
CA PRO B 207 -15.65 -34.08 1.78
C PRO B 207 -16.47 -35.23 1.22
N ALA B 208 -16.51 -35.30 -0.10
CA ALA B 208 -17.23 -36.37 -0.79
C ALA B 208 -16.49 -37.70 -0.74
N SER B 209 -15.20 -37.70 -0.48
CA SER B 209 -14.48 -38.95 -0.28
C SER B 209 -13.66 -38.86 1.00
N GLY B 210 -13.63 -39.95 1.76
CA GLY B 210 -12.90 -39.98 3.00
C GLY B 210 -11.58 -40.71 2.89
N VAL B 211 -11.51 -41.66 1.94
CA VAL B 211 -10.30 -42.46 1.77
C VAL B 211 -9.10 -41.54 1.60
N VAL B 212 -8.07 -41.75 2.41
CA VAL B 212 -6.80 -41.04 2.21
C VAL B 212 -6.18 -41.54 0.92
N ASP B 213 -5.95 -40.62 -0.02
CA ASP B 213 -5.20 -40.94 -1.24
C ASP B 213 -3.78 -40.42 -1.09
N GLN B 219 -5.38 -37.99 -6.49
CA GLN B 219 -5.93 -39.14 -7.20
C GLN B 219 -6.55 -38.75 -8.55
N PRO B 220 -5.98 -39.18 -9.67
CA PRO B 220 -6.62 -38.90 -10.97
C PRO B 220 -8.06 -39.41 -10.95
N ILE B 221 -8.93 -38.68 -11.63
CA ILE B 221 -10.37 -38.96 -11.58
C ILE B 221 -10.64 -40.21 -12.40
N SER B 222 -11.11 -41.26 -11.73
CA SER B 222 -11.53 -42.47 -12.42
C SER B 222 -13.05 -42.60 -12.38
N SER B 223 -13.58 -43.45 -13.24
CA SER B 223 -15.01 -43.74 -13.20
C SER B 223 -15.40 -44.35 -11.87
N GLU B 224 -14.54 -45.23 -11.34
CA GLU B 224 -14.84 -45.91 -10.09
C GLU B 224 -14.80 -44.93 -8.92
N PHE B 225 -13.88 -43.98 -8.95
CA PHE B 225 -13.80 -42.99 -7.89
C PHE B 225 -15.02 -42.08 -7.92
N ILE B 226 -15.35 -41.56 -9.10
CA ILE B 226 -16.45 -40.60 -9.14
C ILE B 226 -17.79 -41.28 -8.80
N LYS B 227 -17.92 -42.58 -9.11
CA LYS B 227 -19.14 -43.29 -8.74
C LYS B 227 -19.32 -43.37 -7.23
N LYS B 228 -18.23 -43.61 -6.50
CA LYS B 228 -18.35 -43.75 -5.06
C LYS B 228 -18.21 -42.44 -4.33
N ALA B 229 -17.74 -41.39 -4.98
CA ALA B 229 -17.56 -40.08 -4.38
C ALA B 229 -18.16 -39.06 -5.33
N ASP B 230 -19.49 -39.02 -5.39
CA ASP B 230 -20.19 -38.17 -6.35
C ASP B 230 -20.52 -36.85 -5.66
N PRO B 231 -19.85 -35.75 -6.00
CA PRO B 231 -20.00 -34.53 -5.22
C PRO B 231 -21.24 -33.72 -5.56
N ASP B 232 -21.78 -33.09 -4.49
CA ASP B 232 -22.85 -32.10 -4.63
C ASP B 232 -22.31 -30.72 -5.01
N ILE B 233 -21.05 -30.44 -4.67
CA ILE B 233 -20.40 -29.19 -5.04
C ILE B 233 -19.02 -29.55 -5.56
N LEU B 234 -18.58 -28.82 -6.59
CA LEU B 234 -17.29 -29.06 -7.22
C LEU B 234 -16.49 -27.77 -7.28
N TYR B 235 -15.31 -27.77 -6.69
CA TYR B 235 -14.33 -26.70 -6.80
C TYR B 235 -13.19 -27.13 -7.74
N ILE B 236 -13.00 -26.39 -8.82
CA ILE B 236 -12.07 -26.72 -9.89
C ILE B 236 -10.94 -25.69 -9.86
N VAL B 237 -9.74 -26.14 -9.55
CA VAL B 237 -8.57 -25.29 -9.47
C VAL B 237 -7.79 -25.47 -10.78
N ASP B 238 -7.69 -24.40 -11.57
CA ASP B 238 -7.01 -24.50 -12.86
C ASP B 238 -5.53 -24.15 -12.74
N ARG B 239 -4.72 -25.19 -12.51
CA ARG B 239 -3.27 -25.03 -12.46
C ARG B 239 -2.72 -24.50 -13.78
N THR B 240 -3.22 -25.03 -14.89
CA THR B 240 -2.74 -24.61 -16.21
C THR B 240 -2.88 -23.10 -16.41
N ALA B 241 -4.00 -22.52 -16.00
CA ALA B 241 -4.16 -21.09 -16.15
C ALA B 241 -3.00 -20.31 -15.53
N VAL B 242 -2.59 -20.70 -14.32
CA VAL B 242 -1.44 -20.06 -13.68
C VAL B 242 -0.15 -20.38 -14.41
N MET B 243 0.12 -21.67 -14.65
CA MET B 243 1.44 -22.12 -15.06
C MET B 243 1.76 -21.71 -16.48
N GLU B 244 0.77 -21.70 -17.34
CA GLU B 244 0.97 -21.33 -18.73
C GLU B 244 0.53 -19.91 -18.99
N HIS B 245 0.13 -19.18 -17.95
CA HIS B 245 -0.36 -17.84 -18.13
C HIS B 245 -1.46 -17.87 -19.19
N ARG B 246 -2.53 -18.59 -18.90
CA ARG B 246 -3.69 -18.68 -19.77
C ARG B 246 -4.94 -18.21 -19.06
N PRO B 247 -6.00 -17.91 -19.82
CA PRO B 247 -7.30 -17.70 -19.17
C PRO B 247 -7.75 -19.00 -18.48
N ASN B 248 -8.56 -18.83 -17.47
CA ASN B 248 -9.07 -19.99 -16.73
C ASN B 248 -10.08 -20.74 -17.60
N ILE B 249 -10.02 -22.08 -17.56
CA ILE B 249 -11.09 -22.83 -18.16
C ILE B 249 -12.43 -22.42 -17.54
N ASN B 250 -13.51 -22.71 -18.27
CA ASN B 250 -14.87 -22.49 -17.80
C ASN B 250 -15.69 -23.72 -18.18
N ALA B 251 -17.00 -23.67 -17.91
CA ALA B 251 -17.82 -24.86 -18.07
C ALA B 251 -17.71 -25.43 -19.47
N ALA B 252 -17.60 -24.57 -20.48
CA ALA B 252 -17.49 -25.02 -21.87
C ALA B 252 -16.12 -25.61 -22.20
N SER B 253 -15.09 -25.32 -21.38
CA SER B 253 -13.78 -25.91 -21.62
C SER B 253 -13.76 -27.39 -21.28
N VAL B 254 -14.64 -27.81 -20.38
CA VAL B 254 -14.53 -29.13 -19.76
C VAL B 254 -15.16 -30.16 -20.68
N GLU B 255 -14.34 -31.05 -21.17
CA GLU B 255 -14.82 -32.20 -21.92
C GLU B 255 -15.04 -33.41 -21.02
N ASN B 256 -14.30 -33.49 -19.92
CA ASN B 256 -14.24 -34.64 -19.05
C ASN B 256 -15.64 -35.14 -18.70
N PRO B 257 -16.02 -36.33 -19.16
CA PRO B 257 -17.40 -36.79 -18.92
C PRO B 257 -17.65 -37.22 -17.47
N LEU B 258 -16.61 -37.66 -16.75
CA LEU B 258 -16.82 -38.04 -15.36
C LEU B 258 -17.24 -36.84 -14.50
N LEU B 259 -16.61 -35.68 -14.71
CA LEU B 259 -17.04 -34.48 -13.99
C LEU B 259 -18.42 -34.03 -14.45
N ARG B 260 -18.71 -34.12 -15.74
CA ARG B 260 -19.99 -33.65 -16.25
C ARG B 260 -21.16 -34.55 -15.86
N GLN B 261 -20.92 -35.77 -15.35
CA GLN B 261 -22.03 -36.61 -14.88
C GLN B 261 -22.24 -36.48 -13.37
N THR B 262 -21.56 -35.54 -12.71
CA THR B 262 -21.73 -35.42 -11.27
C THR B 262 -23.00 -34.64 -10.95
N LYS B 263 -23.49 -34.80 -9.71
CA LYS B 263 -24.60 -33.98 -9.26
C LYS B 263 -24.25 -32.51 -9.28
N ALA B 264 -23.01 -32.18 -8.89
CA ALA B 264 -22.56 -30.80 -8.91
C ALA B 264 -22.78 -30.21 -10.29
N TRP B 265 -22.39 -30.94 -11.33
CA TRP B 265 -22.48 -30.42 -12.68
C TRP B 265 -23.94 -30.26 -13.09
N LYS B 266 -24.75 -31.29 -12.86
CA LYS B 266 -26.17 -31.22 -13.18
C LYS B 266 -26.83 -30.03 -12.54
N ASN B 267 -26.53 -29.79 -11.25
CA ASN B 267 -27.20 -28.77 -10.48
C ASN B 267 -26.51 -27.42 -10.53
N GLY B 268 -25.46 -27.28 -11.33
CA GLY B 268 -24.79 -25.99 -11.45
C GLY B 268 -23.99 -25.56 -10.21
N ARG B 269 -23.40 -26.52 -9.51
CA ARG B 269 -22.66 -26.17 -8.30
C ARG B 269 -21.18 -26.41 -8.53
N VAL B 270 -20.67 -25.87 -9.64
CA VAL B 270 -19.29 -26.05 -10.05
C VAL B 270 -18.66 -24.66 -10.03
N ILE B 271 -17.63 -24.48 -9.22
CA ILE B 271 -16.96 -23.20 -9.04
C ILE B 271 -15.57 -23.29 -9.66
N PHE B 272 -15.30 -22.47 -10.69
CA PHE B 272 -13.99 -22.31 -11.28
C PHE B 272 -13.27 -21.25 -10.45
N VAL B 273 -12.50 -21.72 -9.46
CA VAL B 273 -11.96 -20.85 -8.43
C VAL B 273 -10.86 -19.93 -8.99
N ASP B 274 -10.50 -18.93 -8.21
CA ASP B 274 -9.43 -17.98 -8.51
C ASP B 274 -8.13 -18.71 -8.24
N ALA B 275 -7.50 -19.17 -9.32
CA ALA B 275 -6.36 -20.06 -9.20
C ALA B 275 -5.15 -19.33 -8.60
N ASP B 276 -5.06 -18.01 -8.79
CA ASP B 276 -3.96 -17.26 -8.16
C ASP B 276 -4.03 -17.35 -6.63
N ALA B 277 -5.25 -17.35 -6.09
CA ALA B 277 -5.49 -17.45 -4.66
C ALA B 277 -5.43 -18.90 -4.18
N TRP B 278 -5.92 -19.85 -4.97
CA TRP B 278 -5.95 -21.24 -4.51
C TRP B 278 -4.67 -22.01 -4.78
N TYR B 279 -3.93 -21.70 -5.86
CA TYR B 279 -2.78 -22.50 -6.23
C TYR B 279 -1.46 -21.79 -5.95
N THR B 280 -1.29 -20.54 -6.40
CA THR B 280 -0.03 -19.83 -6.22
C THR B 280 0.24 -19.49 -4.76
N THR B 281 -0.79 -19.27 -3.97
CA THR B 281 -0.63 -18.78 -2.61
C THR B 281 -1.35 -19.69 -1.63
N ALA B 282 -2.59 -19.37 -1.33
CA ALA B 282 -3.50 -20.13 -0.47
C ALA B 282 -3.06 -20.22 0.99
N ALA B 283 -2.10 -19.39 1.41
CA ALA B 283 -1.60 -19.41 2.78
C ALA B 283 -1.22 -17.99 3.20
N SER B 284 -2.09 -17.03 2.91
CA SER B 284 -1.78 -15.65 3.24
C SER B 284 -3.10 -14.88 3.30
N PRO B 285 -3.06 -13.64 3.77
CA PRO B 285 -4.34 -12.94 4.09
C PRO B 285 -5.26 -12.68 2.91
N THR B 286 -4.74 -12.07 1.83
CA THR B 286 -5.62 -11.77 0.71
C THR B 286 -6.11 -13.06 0.06
N SER B 287 -5.20 -14.02 -0.09
CA SER B 287 -5.53 -15.25 -0.81
C SER B 287 -6.61 -16.02 -0.07
N LEU B 288 -6.52 -16.07 1.27
CA LEU B 288 -7.53 -16.80 2.02
C LEU B 288 -8.88 -16.09 1.98
N LYS B 289 -8.89 -14.76 1.99
CA LYS B 289 -10.14 -14.03 1.81
C LYS B 289 -10.83 -14.49 0.53
N ILE B 290 -10.06 -14.55 -0.57
CA ILE B 290 -10.62 -14.96 -1.85
C ILE B 290 -11.04 -16.42 -1.82
N VAL B 291 -10.18 -17.30 -1.30
CA VAL B 291 -10.57 -18.70 -1.19
C VAL B 291 -11.93 -18.84 -0.49
N MET B 292 -12.10 -18.14 0.61
CA MET B 292 -13.34 -18.22 1.38
C MET B 292 -14.53 -17.68 0.58
N GLU B 293 -14.33 -16.59 -0.17
CA GLU B 293 -15.40 -16.14 -1.08
C GLU B 293 -15.78 -17.22 -2.09
N ASP B 294 -14.79 -17.89 -2.66
CA ASP B 294 -15.05 -18.93 -3.63
C ASP B 294 -15.79 -20.10 -2.99
N VAL B 295 -15.38 -20.48 -1.78
CA VAL B 295 -16.03 -21.59 -1.06
C VAL B 295 -17.50 -21.26 -0.84
N LYS B 296 -17.79 -20.05 -0.37
CA LYS B 296 -19.17 -19.66 -0.14
C LYS B 296 -20.00 -19.71 -1.41
N LYS B 297 -19.39 -19.40 -2.55
CA LYS B 297 -20.12 -19.45 -3.82
C LYS B 297 -20.64 -20.84 -4.12
N GLY B 298 -19.89 -21.89 -3.75
CA GLY B 298 -20.36 -23.25 -3.92
C GLY B 298 -21.61 -23.58 -3.13
N TYR B 299 -21.88 -22.85 -2.06
CA TYR B 299 -23.07 -23.09 -1.27
C TYR B 299 -24.22 -22.17 -1.65
N GLN B 300 -23.97 -21.20 -2.53
CA GLN B 300 -24.98 -20.22 -2.89
C GLN B 300 -26.01 -20.89 -3.79
N LEU B 301 -27.23 -21.02 -3.28
CA LEU B 301 -28.31 -21.68 -4.00
C LEU B 301 -29.07 -20.71 -4.91
N GLU B 302 -28.92 -19.41 -4.69
CA GLU B 302 -29.71 -18.38 -5.35
C GLU B 302 -28.87 -17.13 -5.51
N HIS B 303 -29.23 -16.29 -6.47
CA HIS B 303 -28.51 -15.03 -6.69
C HIS B 303 -29.08 -13.91 -5.81
#